data_8J4B
#
_entry.id   8J4B
#
_cell.length_a   90.920
_cell.length_b   63.350
_cell.length_c   68.560
_cell.angle_alpha   90.000
_cell.angle_beta   90.000
_cell.angle_gamma   90.000
#
_symmetry.space_group_name_H-M   'P 21 21 2'
#
loop_
_entity.id
_entity.type
_entity.pdbx_description
1 polymer 'Sequence-variable mosaic (SVM) signal sequence domain-containing protein'
2 polymer 'Squamosa promoter-binding-like protein 13A'
3 non-polymer 'ZINC ION'
4 water water
#
loop_
_entity_poly.entity_id
_entity_poly.type
_entity_poly.pdbx_seq_one_letter_code
_entity_poly.pdbx_strand_id
1 'polypeptide(L)'
;GAPHEERVGDMRIVNITFSDINSIKNFQPFSQYFDFTLTGPRYNGNIAQFAMIWKIKNPPHNLLGVFFDNNTRDDEDDKY
TLEELKQMGNGAKNMYIFWQYEQK
;
A,C
2 'polypeptide(L)' GMPICLVDGCDSDFSNCREYHKRHKVCDVHSKTPVVTINGHKQRFCQQCSRFHALEEFDEGKRSCR B,D
#
# COMPACT_ATOMS: atom_id res chain seq x y z
N GLU A 6 -10.26 14.26 -0.32
CA GLU A 6 -10.89 12.99 -0.67
C GLU A 6 -11.72 13.08 -1.96
N ARG A 7 -12.40 14.20 -2.22
CA ARG A 7 -13.15 14.32 -3.48
C ARG A 7 -13.02 15.73 -4.05
N VAL A 8 -12.80 15.80 -5.37
CA VAL A 8 -12.80 17.07 -6.11
C VAL A 8 -13.85 16.92 -7.20
N GLY A 9 -14.97 17.62 -7.06
CA GLY A 9 -16.07 17.42 -7.99
C GLY A 9 -16.57 15.99 -7.90
N ASP A 10 -16.70 15.33 -9.05
CA ASP A 10 -17.08 13.92 -9.11
C ASP A 10 -15.87 12.98 -9.13
N MET A 11 -14.69 13.45 -8.72
CA MET A 11 -13.50 12.63 -8.76
C MET A 11 -13.07 12.27 -7.35
N ARG A 12 -12.94 10.98 -7.07
CA ARG A 12 -12.44 10.51 -5.79
C ARG A 12 -10.91 10.50 -5.82
N ILE A 13 -10.29 11.01 -4.75
CA ILE A 13 -8.84 10.95 -4.58
C ILE A 13 -8.52 9.70 -3.78
N VAL A 14 -7.74 8.79 -4.37
CA VAL A 14 -7.43 7.51 -3.74
C VAL A 14 -5.92 7.45 -3.48
N ASN A 15 -5.53 7.63 -2.23
CA ASN A 15 -4.14 7.42 -1.86
C ASN A 15 -3.93 5.94 -1.62
N ILE A 16 -2.94 5.35 -2.29
CA ILE A 16 -2.56 3.95 -2.08
C ILE A 16 -1.09 3.90 -1.68
N THR A 17 -0.80 3.24 -0.55
CA THR A 17 0.56 3.08 -0.07
C THR A 17 1.04 1.65 -0.29
N PHE A 18 2.27 1.51 -0.78
CA PHE A 18 2.84 0.22 -1.14
C PHE A 18 4.03 -0.12 -0.26
N SER A 19 4.33 -1.42 -0.17
CA SER A 19 5.52 -1.84 0.56
C SER A 19 6.80 -1.38 -0.14
N ASP A 20 6.83 -1.45 -1.48
CA ASP A 20 7.97 -1.01 -2.27
C ASP A 20 7.48 -0.75 -3.69
N ILE A 21 8.35 -0.18 -4.51
CA ILE A 21 7.92 0.18 -5.85
C ILE A 21 7.75 -1.08 -6.71
N ASN A 22 8.62 -2.08 -6.53
CA ASN A 22 8.48 -3.33 -7.28
C ASN A 22 7.10 -3.96 -7.11
N SER A 23 6.43 -3.71 -5.97
CA SER A 23 5.12 -4.32 -5.74
C SER A 23 4.08 -3.85 -6.74
N ILE A 24 4.21 -2.61 -7.22
CA ILE A 24 3.23 -2.08 -8.16
C ILE A 24 3.12 -2.92 -9.43
N LYS A 25 4.17 -3.69 -9.74
CA LYS A 25 4.17 -4.46 -10.98
C LYS A 25 3.09 -5.54 -11.00
N ASN A 26 2.68 -6.03 -9.84
CA ASN A 26 1.61 -7.01 -9.73
C ASN A 26 0.23 -6.36 -9.61
N PHE A 27 0.15 -5.04 -9.64
CA PHE A 27 -1.13 -4.37 -9.47
C PHE A 27 -1.75 -4.13 -10.84
N GLN A 28 -2.76 -4.83 -11.14
CA GLN A 28 -3.40 -4.21 -12.28
C GLN A 28 -4.61 -3.39 -11.81
N PRO A 29 -5.04 -2.38 -12.59
CA PRO A 29 -4.54 -1.99 -13.91
C PRO A 29 -3.31 -1.07 -13.93
N PHE A 30 -2.74 -0.78 -12.76
CA PHE A 30 -1.73 0.27 -12.70
C PHE A 30 -0.44 -0.11 -13.42
N SER A 31 -0.06 -1.38 -13.38
CA SER A 31 1.29 -1.70 -13.86
C SER A 31 1.47 -1.34 -15.33
N GLN A 32 0.41 -1.39 -16.14
CA GLN A 32 0.63 -1.14 -17.55
C GLN A 32 0.86 0.33 -17.85
N TYR A 33 0.52 1.22 -16.92
CA TYR A 33 0.66 2.65 -17.13
C TYR A 33 1.96 3.20 -16.58
N PHE A 34 2.55 2.52 -15.62
CA PHE A 34 3.85 2.88 -15.07
C PHE A 34 4.96 2.71 -16.10
N ASP A 35 6.02 3.49 -15.93
CA ASP A 35 7.29 3.29 -16.60
C ASP A 35 8.34 3.28 -15.49
N PHE A 36 8.77 2.08 -15.10
CA PHE A 36 9.68 1.95 -13.96
C PHE A 36 11.10 2.40 -14.27
N THR A 37 11.43 2.73 -15.52
CA THR A 37 12.76 3.24 -15.85
C THR A 37 12.89 4.75 -15.63
N LEU A 38 11.80 5.46 -15.35
CA LEU A 38 11.85 6.90 -15.14
C LEU A 38 12.17 7.26 -13.69
N THR A 39 12.93 8.34 -13.51
CA THR A 39 13.29 8.84 -12.19
C THR A 39 12.33 9.95 -11.78
N GLY A 40 11.77 9.84 -10.57
CA GLY A 40 10.87 10.83 -10.03
C GLY A 40 9.42 10.55 -10.39
N PRO A 41 8.49 10.94 -9.53
CA PRO A 41 7.10 10.54 -9.75
C PRO A 41 6.48 11.27 -10.93
N ARG A 42 5.65 10.55 -11.68
CA ARG A 42 5.07 11.00 -12.94
C ARG A 42 3.55 10.92 -12.88
N TYR A 43 2.88 11.72 -13.73
CA TYR A 43 1.44 11.59 -13.93
C TYR A 43 1.14 11.34 -15.40
N ASN A 44 -0.04 10.80 -15.70
CA ASN A 44 -0.45 10.55 -17.07
C ASN A 44 -1.36 11.67 -17.57
N GLY A 45 -1.14 12.08 -18.82
CA GLY A 45 -2.05 13.00 -19.51
C GLY A 45 -3.15 12.34 -20.30
N ASN A 46 -3.12 11.00 -20.39
CA ASN A 46 -4.04 10.21 -21.19
C ASN A 46 -3.94 8.75 -20.73
N ILE A 47 -4.70 7.87 -21.41
CA ILE A 47 -4.75 6.45 -21.08
C ILE A 47 -4.05 5.70 -22.19
N ALA A 48 -2.90 5.11 -21.88
CA ALA A 48 -2.15 4.33 -22.85
C ALA A 48 -1.04 3.61 -22.09
N GLN A 49 -0.48 2.58 -22.74
CA GLN A 49 0.66 1.89 -22.16
C GLN A 49 1.79 2.87 -21.92
N PHE A 50 2.42 2.77 -20.74
CA PHE A 50 3.53 3.61 -20.33
C PHE A 50 3.17 5.09 -20.24
N ALA A 51 1.89 5.43 -20.07
CA ALA A 51 1.48 6.83 -20.17
C ALA A 51 1.89 7.70 -18.97
N MET A 52 2.35 7.11 -17.87
CA MET A 52 2.70 7.96 -16.72
C MET A 52 4.13 8.46 -16.88
N ILE A 53 4.28 9.60 -17.56
CA ILE A 53 5.60 10.09 -17.92
C ILE A 53 5.87 11.53 -17.51
N TRP A 54 4.86 12.33 -17.15
CA TRP A 54 5.06 13.76 -16.97
C TRP A 54 5.53 14.03 -15.54
N LYS A 55 6.70 14.66 -15.40
CA LYS A 55 7.31 14.89 -14.10
C LYS A 55 6.43 15.78 -13.24
N ILE A 56 6.03 15.27 -12.07
CA ILE A 56 5.30 16.11 -11.14
C ILE A 56 6.27 17.13 -10.55
N LYS A 57 5.81 18.36 -10.37
CA LYS A 57 6.70 19.43 -9.94
C LYS A 57 6.91 19.40 -8.42
N ASN A 58 8.15 19.54 -7.99
CA ASN A 58 8.50 19.62 -6.58
C ASN A 58 7.80 18.54 -5.74
N PRO A 59 7.94 17.27 -6.12
CA PRO A 59 7.10 16.23 -5.50
C PRO A 59 7.43 16.04 -4.02
N PRO A 60 6.45 15.67 -3.21
CA PRO A 60 6.72 15.36 -1.81
C PRO A 60 7.52 14.07 -1.68
N HIS A 61 8.21 13.98 -0.54
CA HIS A 61 8.88 12.75 -0.13
C HIS A 61 7.95 11.56 -0.25
N ASN A 62 8.43 10.50 -0.90
CA ASN A 62 7.82 9.18 -1.01
C ASN A 62 6.67 9.11 -2.01
N LEU A 63 6.35 10.18 -2.72
CA LEU A 63 5.37 10.08 -3.78
C LEU A 63 5.94 9.26 -4.93
N LEU A 64 5.19 8.27 -5.41
CA LEU A 64 5.66 7.43 -6.51
C LEU A 64 5.00 7.71 -7.85
N GLY A 65 3.80 8.27 -7.86
CA GLY A 65 3.16 8.59 -9.13
C GLY A 65 1.70 8.94 -8.94
N VAL A 66 1.09 9.36 -10.03
CA VAL A 66 -0.33 9.74 -10.09
C VAL A 66 -0.93 9.12 -11.34
N PHE A 67 -2.05 8.43 -11.19
CA PHE A 67 -2.77 7.86 -12.33
C PHE A 67 -4.22 8.34 -12.33
N PHE A 68 -4.59 9.10 -13.35
CA PHE A 68 -5.99 9.49 -13.58
C PHE A 68 -6.68 8.44 -14.45
N ASP A 69 -7.83 7.96 -14.00
CA ASP A 69 -8.39 6.77 -14.64
C ASP A 69 -9.20 7.05 -15.91
N ASN A 70 -9.38 8.31 -16.32
CA ASN A 70 -10.07 8.62 -17.56
C ASN A 70 -9.68 9.99 -18.05
N ASN A 71 -9.95 10.25 -19.34
CA ASN A 71 -9.89 11.57 -19.96
C ASN A 71 -8.46 12.08 -20.12
N THR A 72 -8.29 13.33 -20.56
CA THR A 72 -7.00 13.91 -20.89
C THR A 72 -6.79 15.23 -20.15
N ARG A 73 -5.53 15.63 -20.06
CA ARG A 73 -5.18 16.86 -19.35
C ARG A 73 -3.86 17.38 -19.90
N ASP A 74 -3.56 18.65 -19.58
CA ASP A 74 -2.32 19.23 -20.04
C ASP A 74 -1.15 18.36 -19.58
N ASP A 75 -0.15 18.20 -20.45
CA ASP A 75 0.86 17.14 -20.31
C ASP A 75 2.26 17.74 -20.42
N GLU A 76 2.86 18.10 -19.28
CA GLU A 76 4.11 18.85 -19.25
C GLU A 76 4.95 18.42 -18.04
N ASP A 77 6.27 18.45 -18.21
CA ASP A 77 7.21 18.16 -17.14
C ASP A 77 7.39 19.37 -16.23
N ASP A 78 7.46 19.12 -14.93
CA ASP A 78 7.85 20.15 -13.95
C ASP A 78 6.99 21.40 -14.03
N LYS A 79 5.70 21.21 -14.24
CA LYS A 79 4.78 22.33 -14.33
C LYS A 79 3.71 22.29 -13.26
N TYR A 80 3.23 21.10 -12.88
CA TYR A 80 2.12 20.98 -11.96
C TYR A 80 2.55 20.23 -10.72
N THR A 81 2.26 20.82 -9.55
CA THR A 81 2.47 20.12 -8.30
C THR A 81 1.34 19.13 -8.08
N LEU A 82 1.53 18.26 -7.07
CA LEU A 82 0.51 17.28 -6.74
C LEU A 82 -0.83 17.94 -6.42
N GLU A 83 -0.80 19.05 -5.67
CA GLU A 83 -2.05 19.71 -5.32
C GLU A 83 -2.73 20.28 -6.56
N GLU A 84 -1.95 20.81 -7.50
CA GLU A 84 -2.54 21.34 -8.71
C GLU A 84 -3.18 20.23 -9.54
N LEU A 85 -2.54 19.06 -9.57
CA LEU A 85 -3.07 17.94 -10.35
C LEU A 85 -4.41 17.45 -9.83
N LYS A 86 -4.68 17.65 -8.54
CA LYS A 86 -5.98 17.27 -8.00
C LYS A 86 -7.13 18.05 -8.63
N GLN A 87 -6.83 19.21 -9.23
CA GLN A 87 -7.83 20.01 -9.93
C GLN A 87 -7.91 19.70 -11.42
N MET A 88 -7.16 18.70 -11.89
CA MET A 88 -7.00 18.48 -13.31
C MET A 88 -7.56 17.13 -13.75
N GLY A 89 -8.52 16.59 -13.02
CA GLY A 89 -9.11 15.32 -13.40
C GLY A 89 -9.78 15.37 -14.75
N ASN A 90 -10.48 16.49 -15.04
CA ASN A 90 -11.10 16.73 -16.35
C ASN A 90 -12.08 15.63 -16.73
N GLY A 91 -12.77 15.08 -15.74
CA GLY A 91 -13.76 14.05 -15.97
C GLY A 91 -13.39 12.68 -15.40
N ALA A 92 -12.11 12.45 -15.09
CA ALA A 92 -11.74 11.20 -14.43
C ALA A 92 -12.59 10.99 -13.19
N LYS A 93 -13.00 9.74 -12.95
CA LYS A 93 -13.75 9.42 -11.74
C LYS A 93 -12.85 9.11 -10.55
N ASN A 94 -11.61 8.71 -10.79
CA ASN A 94 -10.68 8.41 -9.71
C ASN A 94 -9.29 8.93 -10.06
N MET A 95 -8.67 9.59 -9.08
CA MET A 95 -7.26 9.95 -9.16
C MET A 95 -6.51 9.08 -8.14
N TYR A 96 -5.64 8.22 -8.63
CA TYR A 96 -4.86 7.33 -7.77
C TYR A 96 -3.50 7.95 -7.49
N ILE A 97 -3.18 8.10 -6.22
CA ILE A 97 -1.91 8.69 -5.80
C ILE A 97 -1.12 7.61 -5.08
N PHE A 98 0.05 7.25 -5.64
CA PHE A 98 0.83 6.11 -5.16
C PHE A 98 1.95 6.59 -4.25
N TRP A 99 2.11 5.92 -3.11
CA TRP A 99 3.08 6.32 -2.09
C TRP A 99 3.94 5.13 -1.66
N GLN A 100 5.19 5.43 -1.31
CA GLN A 100 6.10 4.48 -0.67
C GLN A 100 5.88 4.55 0.84
N TYR A 101 5.56 3.41 1.47
CA TYR A 101 5.36 3.46 2.92
C TYR A 101 6.68 3.79 3.62
N GLU A 102 6.58 4.36 4.82
CA GLU A 102 7.76 4.58 5.65
C GLU A 102 7.43 4.32 7.13
N GLN A 103 8.48 4.02 7.90
CA GLN A 103 8.33 3.68 9.31
C GLN A 103 8.34 4.92 10.22
N LYS A 104 8.33 6.12 9.64
CA LYS A 104 8.34 7.38 10.40
C LYS A 104 9.64 7.52 11.16
N GLY B 1 5.85 10.23 8.07
CA GLY B 1 4.61 9.84 7.42
C GLY B 1 4.17 10.77 6.31
N ALA B 2 3.14 10.34 5.57
CA ALA B 2 2.64 11.02 4.39
C ALA B 2 1.60 12.06 4.78
N PRO B 3 1.34 13.04 3.91
CA PRO B 3 0.46 14.15 4.30
C PRO B 3 -0.95 13.72 4.67
N HIS B 4 -1.46 12.65 4.08
CA HIS B 4 -2.84 12.23 4.26
C HIS B 4 -3.03 11.25 5.41
N GLU B 5 -1.96 10.85 6.09
CA GLU B 5 -2.07 9.73 7.03
C GLU B 5 -2.76 10.19 8.31
N GLU B 6 -3.78 9.42 8.71
CA GLU B 6 -4.55 9.65 9.93
C GLU B 6 -3.67 9.42 11.16
N ARG B 7 -3.96 10.15 12.23
CA ARG B 7 -3.28 9.95 13.50
C ARG B 7 -4.30 9.88 14.62
N VAL B 8 -4.06 9.01 15.60
CA VAL B 8 -4.88 8.92 16.79
C VAL B 8 -3.95 9.23 17.96
N GLY B 9 -4.17 10.37 18.59
CA GLY B 9 -3.17 10.87 19.54
C GLY B 9 -1.86 11.04 18.80
N ASP B 10 -0.82 10.35 19.28
CA ASP B 10 0.51 10.35 18.68
C ASP B 10 0.78 9.09 17.85
N MET B 11 -0.25 8.30 17.57
CA MET B 11 -0.07 7.06 16.82
C MET B 11 -0.45 7.30 15.36
N ARG B 12 0.51 7.10 14.47
CA ARG B 12 0.26 7.18 13.05
C ARG B 12 -0.43 5.92 12.56
N ILE B 13 -1.46 6.08 11.74
CA ILE B 13 -2.15 4.96 11.12
C ILE B 13 -1.66 4.84 9.68
N VAL B 14 -1.05 3.70 9.37
CA VAL B 14 -0.41 3.45 8.08
C VAL B 14 -1.18 2.33 7.38
N ASN B 15 -1.90 2.66 6.29
CA ASN B 15 -2.65 1.66 5.52
C ASN B 15 -1.79 1.26 4.33
N ILE B 16 -1.35 0.01 4.29
CA ILE B 16 -0.51 -0.52 3.23
C ILE B 16 -1.33 -1.53 2.45
N THR B 17 -1.23 -1.49 1.13
CA THR B 17 -2.07 -2.32 0.26
C THR B 17 -1.21 -3.31 -0.52
N PHE B 18 -1.72 -4.53 -0.71
CA PHE B 18 -1.01 -5.61 -1.38
C PHE B 18 -1.90 -6.24 -2.44
N SER B 19 -1.27 -6.90 -3.40
CA SER B 19 -2.06 -7.61 -4.41
C SER B 19 -2.79 -8.79 -3.79
N ASP B 20 -2.17 -9.45 -2.81
CA ASP B 20 -2.85 -10.46 -1.99
C ASP B 20 -1.95 -10.84 -0.82
N ILE B 21 -2.50 -11.70 0.06
CA ILE B 21 -1.84 -12.05 1.32
C ILE B 21 -0.45 -12.64 1.08
N ASN B 22 -0.24 -13.30 -0.06
CA ASN B 22 1.05 -13.95 -0.24
C ASN B 22 2.17 -12.96 -0.52
N SER B 23 1.84 -11.75 -0.99
CA SER B 23 2.84 -10.69 -1.11
C SER B 23 3.40 -10.28 0.24
N ILE B 24 2.58 -10.32 1.29
CA ILE B 24 3.07 -9.92 2.60
C ILE B 24 4.12 -10.88 3.13
N LYS B 25 4.16 -12.13 2.63
CA LYS B 25 5.17 -13.07 3.14
C LYS B 25 6.59 -12.58 2.87
N ASN B 26 6.77 -11.77 1.83
CA ASN B 26 8.07 -11.23 1.48
C ASN B 26 8.32 -9.84 2.04
N PHE B 27 7.41 -9.31 2.88
CA PHE B 27 7.49 -7.92 3.35
C PHE B 27 8.20 -7.89 4.70
N GLN B 28 9.54 -7.73 4.67
CA GLN B 28 10.26 -7.44 5.90
C GLN B 28 10.16 -5.95 6.23
N PRO B 29 10.07 -5.58 7.51
CA PRO B 29 10.21 -6.39 8.73
C PRO B 29 8.90 -6.89 9.35
N PHE B 30 7.78 -6.84 8.62
CA PHE B 30 6.48 -7.18 9.20
C PHE B 30 6.08 -8.64 9.06
N SER B 31 6.58 -9.36 8.05
CA SER B 31 6.12 -10.73 7.83
C SER B 31 6.35 -11.61 9.05
N GLN B 32 7.36 -11.29 9.87
CA GLN B 32 7.71 -12.10 11.04
C GLN B 32 6.64 -12.05 12.12
N TYR B 33 5.73 -11.08 12.07
CA TYR B 33 4.66 -10.96 13.07
C TYR B 33 3.38 -11.65 12.63
N PHE B 34 3.20 -11.86 11.33
CA PHE B 34 2.02 -12.54 10.81
C PHE B 34 2.05 -14.01 11.19
N ASP B 35 0.87 -14.63 11.16
CA ASP B 35 0.73 -16.07 11.26
C ASP B 35 -0.06 -16.46 10.02
N PHE B 36 0.64 -16.95 9.00
CA PHE B 36 -0.01 -17.12 7.71
C PHE B 36 -0.90 -18.37 7.62
N THR B 37 -0.90 -19.22 8.64
CA THR B 37 -1.81 -20.36 8.67
C THR B 37 -3.23 -19.99 9.08
N LEU B 38 -3.43 -18.80 9.63
CA LEU B 38 -4.72 -18.42 10.18
C LEU B 38 -5.64 -17.85 9.11
N THR B 39 -6.94 -18.10 9.28
CA THR B 39 -7.97 -17.53 8.42
C THR B 39 -8.58 -16.32 9.12
N GLY B 40 -8.77 -15.22 8.37
CA GLY B 40 -9.34 -14.00 8.87
C GLY B 40 -8.29 -13.07 9.45
N PRO B 41 -8.46 -11.75 9.27
CA PRO B 41 -7.41 -10.82 9.70
C PRO B 41 -7.28 -10.79 11.21
N ARG B 42 -6.03 -10.67 11.68
CA ARG B 42 -5.68 -10.70 13.09
C ARG B 42 -4.93 -9.42 13.48
N TYR B 43 -4.92 -9.14 14.78
CA TYR B 43 -4.10 -8.08 15.36
C TYR B 43 -3.20 -8.68 16.45
N ASN B 44 -2.16 -7.94 16.85
CA ASN B 44 -1.24 -8.44 17.88
C ASN B 44 -1.50 -7.76 19.21
N GLY B 45 -1.45 -8.55 20.29
CA GLY B 45 -1.56 -8.00 21.63
C GLY B 45 -0.24 -7.57 22.24
N ASN B 46 0.87 -7.91 21.58
CA ASN B 46 2.20 -7.64 22.09
C ASN B 46 3.18 -7.79 20.92
N ILE B 47 4.46 -7.65 21.23
CA ILE B 47 5.53 -7.70 20.22
C ILE B 47 6.28 -9.02 20.39
N ALA B 48 6.20 -9.88 19.38
CA ALA B 48 6.90 -11.16 19.34
C ALA B 48 6.66 -11.75 17.97
N GLN B 49 7.51 -12.72 17.61
CA GLN B 49 7.30 -13.49 16.39
C GLN B 49 5.91 -14.11 16.41
N PHE B 50 5.26 -14.08 15.25
CA PHE B 50 3.93 -14.67 15.03
C PHE B 50 2.85 -14.08 15.94
N ALA B 51 3.00 -12.87 16.45
CA ALA B 51 2.07 -12.37 17.47
C ALA B 51 0.69 -11.96 16.94
N MET B 52 0.51 -11.80 15.63
CA MET B 52 -0.76 -11.35 15.07
C MET B 52 -1.70 -12.54 14.98
N ILE B 53 -2.40 -12.82 16.08
CA ILE B 53 -3.24 -14.01 16.12
C ILE B 53 -4.68 -13.74 16.58
N TRP B 54 -4.98 -12.54 17.08
CA TRP B 54 -6.29 -12.28 17.66
C TRP B 54 -7.27 -11.81 16.59
N LYS B 55 -8.41 -12.50 16.49
CA LYS B 55 -9.36 -12.29 15.40
C LYS B 55 -10.05 -10.93 15.51
N ILE B 56 -9.92 -10.11 14.47
CA ILE B 56 -10.63 -8.82 14.45
C ILE B 56 -12.12 -9.08 14.24
N LYS B 57 -12.97 -8.39 15.02
CA LYS B 57 -14.41 -8.58 14.93
C LYS B 57 -15.01 -7.83 13.73
N ASN B 58 -15.95 -8.48 13.04
CA ASN B 58 -16.68 -7.88 11.92
C ASN B 58 -15.78 -7.17 10.89
N PRO B 59 -14.71 -7.81 10.42
CA PRO B 59 -13.70 -7.05 9.66
C PRO B 59 -14.19 -6.71 8.26
N PRO B 60 -13.70 -5.61 7.67
CA PRO B 60 -13.95 -5.39 6.24
C PRO B 60 -13.36 -6.53 5.43
N HIS B 61 -14.01 -6.81 4.29
CA HIS B 61 -13.70 -8.07 3.59
C HIS B 61 -12.27 -8.12 3.05
N ASN B 62 -11.67 -6.96 2.73
CA ASN B 62 -10.30 -6.96 2.21
C ASN B 62 -9.26 -6.62 3.27
N LEU B 63 -9.63 -6.55 4.54
CA LEU B 63 -8.62 -6.35 5.59
C LEU B 63 -7.81 -7.63 5.78
N LEU B 64 -6.48 -7.50 5.85
CA LEU B 64 -5.60 -8.65 6.02
C LEU B 64 -4.91 -8.74 7.38
N GLY B 65 -4.77 -7.64 8.11
CA GLY B 65 -4.19 -7.73 9.44
C GLY B 65 -3.88 -6.36 9.99
N VAL B 66 -3.53 -6.35 11.28
CA VAL B 66 -3.22 -5.12 12.01
C VAL B 66 -1.99 -5.38 12.87
N PHE B 67 -0.97 -4.51 12.78
CA PHE B 67 0.22 -4.67 13.60
C PHE B 67 0.50 -3.37 14.34
N PHE B 68 0.37 -3.39 15.67
CA PHE B 68 0.81 -2.29 16.51
C PHE B 68 2.30 -2.45 16.82
N ASP B 69 3.09 -1.36 16.64
CA ASP B 69 4.55 -1.48 16.73
C ASP B 69 5.11 -1.40 18.15
N ASN B 70 4.27 -1.28 19.18
CA ASN B 70 4.79 -1.23 20.55
C ASN B 70 3.63 -1.44 21.52
N ASN B 71 3.99 -1.80 22.76
CA ASN B 71 3.10 -1.86 23.91
C ASN B 71 2.12 -3.03 23.82
N THR B 72 1.25 -3.18 24.82
CA THR B 72 0.32 -4.30 24.87
C THR B 72 -1.11 -3.79 24.93
N ARG B 73 -2.05 -4.70 24.66
CA ARG B 73 -3.47 -4.40 24.73
C ARG B 73 -4.21 -5.72 24.93
N ASP B 74 -5.47 -5.62 25.33
CA ASP B 74 -6.30 -6.81 25.53
C ASP B 74 -6.25 -7.69 24.28
N ASP B 75 -6.13 -9.00 24.51
CA ASP B 75 -5.77 -9.98 23.49
C ASP B 75 -6.84 -11.07 23.43
N GLU B 76 -7.86 -10.87 22.58
CA GLU B 76 -9.04 -11.72 22.52
C GLU B 76 -9.57 -11.82 21.10
N ASP B 77 -10.14 -12.98 20.77
CA ASP B 77 -10.76 -13.22 19.47
C ASP B 77 -12.16 -12.61 19.43
N ASP B 78 -12.51 -12.02 18.28
CA ASP B 78 -13.89 -11.61 17.97
C ASP B 78 -14.44 -10.63 19.00
N LYS B 79 -13.58 -9.78 19.52
CA LYS B 79 -13.98 -8.83 20.54
C LYS B 79 -13.93 -7.39 20.08
N TYR B 80 -12.88 -7.01 19.36
CA TYR B 80 -12.62 -5.63 18.97
C TYR B 80 -12.71 -5.49 17.44
N THR B 81 -13.43 -4.47 16.99
CA THR B 81 -13.46 -4.13 15.57
C THR B 81 -12.25 -3.29 15.20
N LEU B 82 -12.06 -3.11 13.89
CA LEU B 82 -10.93 -2.31 13.40
C LEU B 82 -10.98 -0.89 13.95
N GLU B 83 -12.16 -0.26 13.92
CA GLU B 83 -12.28 1.11 14.41
C GLU B 83 -11.96 1.20 15.88
N GLU B 84 -12.37 0.20 16.66
CA GLU B 84 -12.06 0.20 18.09
C GLU B 84 -10.57 -0.03 18.32
N LEU B 85 -9.95 -0.87 17.49
CA LEU B 85 -8.53 -1.11 17.63
C LEU B 85 -7.73 0.17 17.41
N LYS B 86 -8.26 1.09 16.59
CA LYS B 86 -7.53 2.33 16.35
C LYS B 86 -7.42 3.15 17.63
N GLN B 87 -8.28 2.89 18.61
CA GLN B 87 -8.21 3.54 19.92
C GLN B 87 -7.34 2.78 20.92
N MET B 88 -6.72 1.68 20.51
CA MET B 88 -6.05 0.79 21.47
C MET B 88 -4.55 0.67 21.21
N GLY B 89 -3.93 1.72 20.68
CA GLY B 89 -2.50 1.69 20.48
C GLY B 89 -1.76 1.59 21.81
N ASN B 90 -2.30 2.22 22.85
CA ASN B 90 -1.79 2.12 24.21
C ASN B 90 -0.30 2.48 24.28
N GLY B 91 0.15 3.40 23.43
CA GLY B 91 1.54 3.81 23.39
C GLY B 91 2.25 3.51 22.08
N ALA B 92 1.74 2.59 21.27
CA ALA B 92 2.32 2.38 19.94
C ALA B 92 2.39 3.70 19.20
N LYS B 93 3.50 3.92 18.49
CA LYS B 93 3.62 5.11 17.66
C LYS B 93 3.18 4.88 16.22
N ASN B 94 3.01 3.63 15.81
CA ASN B 94 2.54 3.32 14.46
C ASN B 94 1.64 2.11 14.52
N MET B 95 0.51 2.19 13.84
CA MET B 95 -0.41 1.07 13.68
C MET B 95 -0.48 0.76 12.20
N TYR B 96 0.09 -0.37 11.80
CA TYR B 96 0.13 -0.74 10.39
C TYR B 96 -1.10 -1.59 10.09
N ILE B 97 -1.84 -1.20 9.07
CA ILE B 97 -3.05 -1.88 8.66
C ILE B 97 -2.83 -2.39 7.25
N PHE B 98 -2.95 -3.71 7.06
CA PHE B 98 -2.61 -4.34 5.80
C PHE B 98 -3.89 -4.68 5.05
N TRP B 99 -3.95 -4.29 3.76
CA TRP B 99 -5.15 -4.42 2.95
C TRP B 99 -4.89 -5.17 1.65
N GLN B 100 -5.89 -5.91 1.18
CA GLN B 100 -5.90 -6.46 -0.16
C GLN B 100 -6.55 -5.47 -1.12
N TYR B 101 -5.85 -5.15 -2.21
CA TYR B 101 -6.38 -4.19 -3.17
C TYR B 101 -7.67 -4.69 -3.79
N GLU B 102 -8.62 -3.78 -4.01
CA GLU B 102 -9.81 -4.11 -4.78
C GLU B 102 -10.27 -2.91 -5.60
N GLN B 103 -10.60 -3.15 -6.85
CA GLN B 103 -11.28 -2.12 -7.63
C GLN B 103 -12.76 -2.06 -7.28
N LYS B 104 -13.40 -0.98 -7.65
CA LYS B 104 -14.84 -0.83 -7.45
C LYS B 104 -15.49 0.00 -8.56
N PRO C 3 10.93 3.21 -31.87
CA PRO C 3 12.00 3.04 -32.86
C PRO C 3 12.17 4.29 -33.74
N ILE C 4 11.18 4.58 -34.59
CA ILE C 4 11.21 5.76 -35.44
C ILE C 4 9.86 6.47 -35.37
N CYS C 5 9.87 7.72 -35.77
CA CYS C 5 8.69 8.55 -35.77
C CYS C 5 8.06 8.49 -37.15
N LEU C 6 6.72 8.36 -37.20
CA LEU C 6 6.04 8.22 -38.50
C LEU C 6 6.01 9.52 -39.30
N VAL C 7 6.43 10.64 -38.74
CA VAL C 7 6.29 11.92 -39.43
C VAL C 7 7.32 12.03 -40.56
N ASP C 8 6.89 12.61 -41.68
CA ASP C 8 7.75 12.78 -42.84
C ASP C 8 9.04 13.50 -42.47
N GLY C 9 10.16 12.87 -42.78
CA GLY C 9 11.48 13.47 -42.63
C GLY C 9 11.85 13.86 -41.22
N CYS C 10 11.29 13.19 -40.22
CA CYS C 10 11.54 13.58 -38.85
C CYS C 10 13.01 13.33 -38.49
N ASP C 11 13.66 14.37 -37.98
CA ASP C 11 15.09 14.40 -37.63
C ASP C 11 15.31 14.17 -36.14
N SER C 12 14.58 13.22 -35.54
CA SER C 12 14.65 13.01 -34.11
C SER C 12 15.36 11.69 -33.81
N ASP C 13 16.33 11.76 -32.90
CA ASP C 13 16.77 10.55 -32.22
C ASP C 13 15.86 10.31 -31.02
N PHE C 14 15.54 9.05 -30.75
CA PHE C 14 14.72 8.77 -29.58
C PHE C 14 15.59 8.67 -28.31
N SER C 15 16.75 9.35 -28.34
CA SER C 15 17.57 9.58 -27.14
C SER C 15 16.77 10.24 -26.01
N ASN C 16 16.11 11.37 -26.30
CA ASN C 16 15.42 12.18 -25.30
C ASN C 16 13.91 11.94 -25.29
N CYS C 17 13.48 10.73 -25.62
CA CYS C 17 12.06 10.37 -25.67
C CYS C 17 11.80 9.19 -24.75
N ARG C 18 10.57 9.07 -24.30
CA ARG C 18 10.17 8.03 -23.37
C ARG C 18 9.57 6.85 -24.12
N GLU C 19 9.50 5.70 -23.43
CA GLU C 19 8.94 4.51 -24.07
C GLU C 19 7.54 4.77 -24.61
N TYR C 20 6.74 5.59 -23.92
CA TYR C 20 5.43 6.00 -24.45
C TYR C 20 5.56 6.48 -25.89
N HIS C 21 6.49 7.40 -26.15
CA HIS C 21 6.69 7.91 -27.51
C HIS C 21 7.14 6.82 -28.46
N LYS C 22 8.13 6.03 -28.04
CA LYS C 22 8.69 4.99 -28.91
C LYS C 22 7.63 3.98 -29.29
N ARG C 23 6.83 3.55 -28.30
CA ARG C 23 5.79 2.57 -28.54
C ARG C 23 4.74 3.09 -29.51
N HIS C 24 4.47 4.40 -29.51
CA HIS C 24 3.41 4.93 -30.36
C HIS C 24 3.96 5.56 -31.62
N LYS C 25 5.26 5.38 -31.90
CA LYS C 25 5.91 5.79 -33.14
C LYS C 25 5.79 7.29 -33.38
N VAL C 26 5.97 8.10 -32.34
CA VAL C 26 5.94 9.55 -32.50
C VAL C 26 6.95 10.16 -31.54
N CYS C 27 7.73 11.14 -32.01
CA CYS C 27 8.70 11.71 -31.10
C CYS C 27 8.01 12.72 -30.21
N ASP C 28 8.75 13.22 -29.22
CA ASP C 28 8.15 14.10 -28.22
C ASP C 28 7.64 15.39 -28.87
N VAL C 29 8.38 15.93 -29.83
CA VAL C 29 7.98 17.18 -30.48
C VAL C 29 6.70 16.98 -31.30
N HIS C 30 6.68 15.95 -32.15
CA HIS C 30 5.55 15.78 -33.07
C HIS C 30 4.30 15.23 -32.38
N SER C 31 4.41 14.72 -31.16
CA SER C 31 3.25 14.32 -30.39
C SER C 31 2.34 15.49 -30.05
N LYS C 32 2.84 16.73 -30.09
CA LYS C 32 2.03 17.89 -29.80
C LYS C 32 1.92 18.87 -30.98
N THR C 33 2.71 18.70 -32.03
CA THR C 33 2.66 19.60 -33.18
C THR C 33 1.25 19.61 -33.77
N PRO C 34 0.64 20.79 -33.96
CA PRO C 34 -0.76 20.80 -34.41
C PRO C 34 -0.96 20.22 -35.80
N VAL C 35 -0.02 20.40 -36.73
CA VAL C 35 -0.13 19.83 -38.08
C VAL C 35 1.18 19.18 -38.44
N VAL C 36 1.15 17.87 -38.73
CA VAL C 36 2.29 17.18 -39.30
C VAL C 36 1.80 16.48 -40.55
N THR C 37 2.75 15.94 -41.29
CA THR C 37 2.47 15.26 -42.54
C THR C 37 3.02 13.82 -42.45
N ILE C 38 2.20 12.84 -42.83
CA ILE C 38 2.64 11.45 -42.94
C ILE C 38 2.31 10.97 -44.34
N ASN C 39 3.33 10.55 -45.07
CA ASN C 39 3.17 10.19 -46.48
C ASN C 39 2.53 11.33 -47.26
N GLY C 40 2.79 12.57 -46.84
CA GLY C 40 2.28 13.72 -47.56
C GLY C 40 0.92 14.19 -47.10
N HIS C 41 0.28 13.49 -46.16
CA HIS C 41 -1.07 13.81 -45.71
C HIS C 41 -1.05 14.49 -44.34
N LYS C 42 -1.89 15.51 -44.18
CA LYS C 42 -1.92 16.26 -42.93
C LYS C 42 -2.56 15.41 -41.83
N GLN C 43 -1.88 15.31 -40.71
CA GLN C 43 -2.32 14.51 -39.58
C GLN C 43 -2.05 15.27 -38.30
N ARG C 44 -2.59 14.74 -37.19
CA ARG C 44 -2.28 15.23 -35.86
C ARG C 44 -2.32 14.04 -34.92
N PHE C 45 -1.41 14.02 -33.95
CA PHE C 45 -1.34 12.90 -33.02
C PHE C 45 -2.37 13.08 -31.92
N CYS C 46 -3.40 12.24 -31.93
CA CYS C 46 -4.52 12.41 -31.02
C CYS C 46 -4.11 12.05 -29.59
N GLN C 47 -4.31 12.98 -28.67
CA GLN C 47 -3.92 12.72 -27.29
C GLN C 47 -4.79 11.64 -26.66
N GLN C 48 -6.09 11.69 -26.92
CA GLN C 48 -7.01 10.71 -26.36
C GLN C 48 -6.70 9.30 -26.84
N CYS C 49 -6.53 9.13 -28.15
CA CYS C 49 -6.32 7.81 -28.75
C CYS C 49 -4.87 7.35 -28.75
N SER C 50 -3.92 8.27 -28.60
CA SER C 50 -2.50 7.98 -28.80
C SER C 50 -2.26 7.34 -30.17
N ARG C 51 -2.88 7.93 -31.20
CA ARG C 51 -2.66 7.54 -32.59
C ARG C 51 -2.76 8.79 -33.45
N PHE C 52 -2.13 8.75 -34.62
CA PHE C 52 -2.37 9.78 -35.62
C PHE C 52 -3.75 9.61 -36.25
N HIS C 53 -4.44 10.72 -36.52
CA HIS C 53 -5.60 10.72 -37.41
C HIS C 53 -5.43 11.81 -38.46
N ALA C 54 -6.18 11.67 -39.56
CA ALA C 54 -6.26 12.74 -40.54
C ALA C 54 -6.64 14.05 -39.85
N LEU C 55 -5.99 15.14 -40.25
CA LEU C 55 -6.30 16.44 -39.65
C LEU C 55 -7.79 16.75 -39.63
N GLU C 56 -8.55 16.25 -40.62
CA GLU C 56 -9.99 16.52 -40.73
C GLU C 56 -10.79 15.94 -39.56
N GLU C 57 -10.23 14.97 -38.84
CA GLU C 57 -10.94 14.40 -37.70
C GLU C 57 -10.88 15.27 -36.44
N PHE C 58 -10.22 16.43 -36.49
CA PHE C 58 -10.10 17.34 -35.35
C PHE C 58 -10.78 18.67 -35.66
N ASP C 59 -11.31 19.31 -34.63
CA ASP C 59 -11.84 20.67 -34.71
C ASP C 59 -10.78 21.66 -34.23
N GLU C 60 -10.39 22.59 -35.10
CA GLU C 60 -9.44 23.65 -34.83
C GLU C 60 -8.24 23.16 -34.02
N GLY C 61 -8.02 23.69 -32.83
CA GLY C 61 -6.80 23.37 -32.10
C GLY C 61 -6.87 22.19 -31.15
N LYS C 62 -7.94 21.39 -31.19
CA LYS C 62 -8.14 20.35 -30.19
C LYS C 62 -7.02 19.30 -30.23
N ARG C 63 -6.53 18.92 -29.06
CA ARG C 63 -5.52 17.88 -28.99
C ARG C 63 -6.10 16.51 -29.35
N SER C 64 -7.41 16.31 -29.15
CA SER C 64 -8.02 15.00 -29.37
C SER C 64 -9.15 15.07 -30.40
N CYS C 65 -9.48 13.91 -30.99
CA CYS C 65 -10.46 13.86 -32.08
C CYS C 65 -11.86 14.08 -31.57
N ARG C 66 -12.73 14.43 -32.50
CA ARG C 66 -14.12 14.72 -32.22
C ARG C 66 -14.93 13.43 -32.19
N MET D 2 8.77 -28.41 18.16
CA MET D 2 8.22 -29.28 19.20
C MET D 2 7.26 -28.52 20.11
N PRO D 3 5.95 -28.71 19.92
CA PRO D 3 4.97 -28.04 20.79
C PRO D 3 5.06 -28.59 22.21
N ILE D 4 5.32 -27.70 23.16
CA ILE D 4 5.43 -28.05 24.58
C ILE D 4 4.86 -26.92 25.39
N CYS D 5 4.27 -27.26 26.53
CA CYS D 5 3.91 -26.28 27.54
C CYS D 5 4.74 -26.55 28.80
N LEU D 6 5.43 -25.53 29.30
CA LEU D 6 6.30 -25.71 30.45
C LEU D 6 5.54 -25.94 31.75
N VAL D 7 4.24 -25.68 31.79
CA VAL D 7 3.52 -25.69 33.06
C VAL D 7 3.40 -27.12 33.57
N ASP D 8 3.74 -27.32 34.86
CA ASP D 8 3.72 -28.65 35.45
C ASP D 8 2.38 -29.34 35.19
N GLY D 9 2.44 -30.57 34.67
CA GLY D 9 1.26 -31.36 34.46
C GLY D 9 0.41 -30.99 33.26
N CYS D 10 0.68 -29.87 32.58
CA CYS D 10 -0.13 -29.52 31.42
C CYS D 10 0.09 -30.51 30.29
N ASP D 11 -0.97 -31.21 29.92
CA ASP D 11 -0.90 -32.18 28.84
C ASP D 11 -1.60 -31.66 27.58
N SER D 12 -1.57 -30.35 27.36
CA SER D 12 -2.24 -29.72 26.22
C SER D 12 -1.82 -30.35 24.91
N ASP D 13 -2.81 -30.63 24.06
CA ASP D 13 -2.56 -31.10 22.70
C ASP D 13 -2.22 -29.97 21.72
N PHE D 14 -2.29 -28.72 22.19
CA PHE D 14 -2.05 -27.54 21.36
C PHE D 14 -3.05 -27.44 20.21
N SER D 15 -4.23 -28.03 20.41
CA SER D 15 -5.32 -27.94 19.42
C SER D 15 -5.71 -26.49 19.16
N ASN D 16 -5.88 -25.72 20.23
CA ASN D 16 -6.32 -24.32 20.16
C ASN D 16 -5.16 -23.34 20.10
N CYS D 17 -3.93 -23.81 19.97
CA CYS D 17 -2.76 -22.95 20.09
C CYS D 17 -2.19 -22.60 18.74
N ARG D 18 -1.53 -21.45 18.70
CA ARG D 18 -0.95 -20.91 17.48
C ARG D 18 0.54 -21.12 17.49
N GLU D 19 1.18 -20.73 16.38
CA GLU D 19 2.64 -20.79 16.32
C GLU D 19 3.25 -19.95 17.44
N TYR D 20 2.63 -18.81 17.74
CA TYR D 20 3.08 -18.01 18.88
C TYR D 20 3.23 -18.86 20.15
N HIS D 21 2.22 -19.69 20.44
CA HIS D 21 2.24 -20.49 21.66
C HIS D 21 3.32 -21.57 21.61
N LYS D 22 3.44 -22.26 20.48
CA LYS D 22 4.52 -23.23 20.32
C LYS D 22 5.89 -22.59 20.50
N ARG D 23 6.11 -21.43 19.86
CA ARG D 23 7.43 -20.80 19.94
C ARG D 23 7.80 -20.41 21.36
N HIS D 24 6.81 -20.11 22.21
CA HIS D 24 7.10 -19.61 23.54
C HIS D 24 6.82 -20.63 24.63
N LYS D 25 6.53 -21.88 24.24
CA LYS D 25 6.47 -23.01 25.17
C LYS D 25 5.36 -22.83 26.20
N VAL D 26 4.20 -22.34 25.76
CA VAL D 26 3.06 -22.17 26.67
C VAL D 26 1.79 -22.38 25.85
N CYS D 27 0.82 -23.08 26.43
CA CYS D 27 -0.42 -23.27 25.69
C CYS D 27 -1.31 -22.04 25.85
N ASP D 28 -2.42 -22.02 25.12
CA ASP D 28 -3.28 -20.82 25.09
C ASP D 28 -3.86 -20.53 26.47
N VAL D 29 -4.28 -21.57 27.18
CA VAL D 29 -4.82 -21.39 28.53
C VAL D 29 -3.77 -20.79 29.46
N HIS D 30 -2.58 -21.41 29.52
CA HIS D 30 -1.62 -21.00 30.53
C HIS D 30 -0.86 -19.72 30.18
N SER D 31 -0.97 -19.23 28.95
CA SER D 31 -0.44 -17.92 28.60
C SER D 31 -1.16 -16.78 29.31
N LYS D 32 -2.36 -17.05 29.85
CA LYS D 32 -3.16 -16.04 30.50
C LYS D 32 -3.47 -16.34 31.96
N THR D 33 -3.19 -17.55 32.46
CA THR D 33 -3.48 -17.89 33.85
C THR D 33 -2.69 -16.99 34.79
N PRO D 34 -3.31 -16.38 35.81
CA PRO D 34 -2.53 -15.52 36.71
C PRO D 34 -1.42 -16.23 37.47
N VAL D 35 -1.56 -17.52 37.78
CA VAL D 35 -0.55 -18.26 38.54
C VAL D 35 -0.39 -19.65 37.95
N VAL D 36 0.82 -19.99 37.55
CA VAL D 36 1.13 -21.34 37.07
C VAL D 36 2.34 -21.82 37.86
N THR D 37 2.60 -23.13 37.79
CA THR D 37 3.74 -23.73 38.46
C THR D 37 4.64 -24.39 37.42
N ILE D 38 5.92 -24.01 37.42
CA ILE D 38 6.94 -24.64 36.57
C ILE D 38 8.02 -25.23 37.48
N ASN D 39 8.15 -26.55 37.47
CA ASN D 39 9.13 -27.25 38.33
C ASN D 39 8.92 -26.87 39.80
N GLY D 40 7.66 -26.76 40.22
CA GLY D 40 7.33 -26.41 41.58
C GLY D 40 7.40 -24.94 41.94
N HIS D 41 7.74 -24.07 40.98
CA HIS D 41 7.89 -22.65 41.26
C HIS D 41 6.72 -21.88 40.66
N LYS D 42 6.21 -20.91 41.41
CA LYS D 42 5.08 -20.11 40.94
C LYS D 42 5.57 -19.06 39.94
N GLN D 43 4.89 -18.99 38.78
CA GLN D 43 5.25 -18.08 37.70
C GLN D 43 3.99 -17.48 37.07
N ARG D 44 4.21 -16.52 36.17
CA ARG D 44 3.16 -15.97 35.31
C ARG D 44 3.77 -15.69 33.95
N PHE D 45 3.01 -15.95 32.89
CA PHE D 45 3.51 -15.71 31.53
C PHE D 45 3.28 -14.25 31.17
N CYS D 46 4.37 -13.48 31.17
CA CYS D 46 4.31 -12.04 30.98
C CYS D 46 3.90 -11.70 29.55
N GLN D 47 2.84 -10.89 29.42
CA GLN D 47 2.35 -10.53 28.08
C GLN D 47 3.36 -9.67 27.33
N GLN D 48 3.98 -8.70 28.02
CA GLN D 48 4.94 -7.82 27.37
C GLN D 48 6.16 -8.58 26.85
N CYS D 49 6.73 -9.45 27.68
CA CYS D 49 7.99 -10.14 27.38
C CYS D 49 7.81 -11.44 26.63
N SER D 50 6.60 -12.01 26.62
CA SER D 50 6.37 -13.36 26.12
C SER D 50 7.34 -14.36 26.76
N ARG D 51 7.57 -14.20 28.08
CA ARG D 51 8.42 -15.10 28.87
C ARG D 51 7.76 -15.31 30.22
N PHE D 52 8.04 -16.44 30.85
CA PHE D 52 7.65 -16.62 32.25
C PHE D 52 8.57 -15.82 33.17
N HIS D 53 8.00 -15.27 34.25
CA HIS D 53 8.74 -14.67 35.35
C HIS D 53 8.16 -15.17 36.67
N ALA D 54 8.97 -15.07 37.73
CA ALA D 54 8.46 -15.25 39.08
C ALA D 54 7.40 -14.21 39.41
N LEU D 55 6.46 -14.60 40.28
CA LEU D 55 5.33 -13.74 40.60
C LEU D 55 5.75 -12.41 41.18
N GLU D 56 6.90 -12.35 41.85
CA GLU D 56 7.34 -11.13 42.49
C GLU D 56 7.73 -10.04 41.51
N GLU D 57 7.85 -10.37 40.22
CA GLU D 57 8.12 -9.39 39.19
C GLU D 57 6.87 -8.65 38.72
N PHE D 58 5.68 -9.10 39.11
CA PHE D 58 4.40 -8.51 38.71
C PHE D 58 3.75 -7.81 39.90
N ASP D 59 3.06 -6.70 39.61
CA ASP D 59 2.25 -6.03 40.61
C ASP D 59 0.88 -6.70 40.69
N GLU D 60 -0.01 -6.17 41.51
CA GLU D 60 -1.27 -6.84 41.82
C GLU D 60 -2.18 -7.02 40.60
N GLY D 61 -2.25 -8.25 40.09
CA GLY D 61 -3.16 -8.59 39.00
C GLY D 61 -2.80 -8.04 37.63
N LYS D 62 -1.52 -7.94 37.33
CA LYS D 62 -1.06 -7.34 36.08
C LYS D 62 -0.58 -8.43 35.14
N ARG D 63 -0.93 -8.28 33.86
CA ARG D 63 -0.52 -9.25 32.85
C ARG D 63 0.96 -9.15 32.52
N SER D 64 1.61 -8.05 32.90
CA SER D 64 2.98 -7.79 32.48
C SER D 64 3.81 -7.35 33.67
N CYS D 65 5.11 -7.62 33.61
CA CYS D 65 6.01 -7.28 34.70
C CYS D 65 6.12 -5.76 34.88
N ARG D 66 6.46 -5.34 36.09
CA ARG D 66 6.57 -3.92 36.37
C ARG D 66 7.86 -3.36 35.76
#